data_3CZ7
#
_entry.id   3CZ7
#
_cell.length_a   120.782
_cell.length_b   68.886
_cell.length_c   55.241
_cell.angle_alpha   90.00
_cell.angle_beta   106.65
_cell.angle_gamma   90.00
#
_symmetry.space_group_name_H-M   'C 1 2 1'
#
loop_
_entity.id
_entity.type
_entity.pdbx_description
1 polymer 'Regulator of Ty1 transposition protein 109'
2 non-polymer 'ACETYL COENZYME *A'
3 water water
#
_entity_poly.entity_id   1
_entity_poly.type   'polypeptide(L)'
_entity_poly.pdbx_seq_one_letter_code
;(MSE)SLNDFLSSVLPVSEQFEYLSLQSIPLETHAVVTPNKDDKRVPKSTIKTQHFFSLFHQGKVFFSLEVYVYVTLWDE
ADAERLIFVSKADTNGYCNTRVSVRDITKIILEFILSIDPNYYLQKVKPAIGGSGFQQDLYLSFTCPREILTKICLFTRP
ASQYLFPDSSKNSKKHILNGEEL(MSE)KWWGFILDRLLIECFQNDTQAKLRIPGEDPARVRSYLRG(MSE)KYPLWQVG
DIFTSKENSLAVYNIPLFPDDP(ALY)ARFIHQLAEEDRLLKVSLSSFWIELQERQEFKLSVTSSV(MSE)GISGYSLAT
PSLFPSSADVIVPKSRKQFRAIKKYITGEEYDTEEGAIEAFTNIRDFLLLR(MSE)ATNLQSLTGKRE
;
_entity_poly.pdbx_strand_id   A
#
loop_
_chem_comp.id
_chem_comp.type
_chem_comp.name
_chem_comp.formula
ACO non-polymer 'ACETYL COENZYME *A' 'C23 H38 N7 O17 P3 S'
#
# COMPACT_ATOMS: atom_id res chain seq x y z
N MSE A 1 -11.15 5.70 16.94
CA MSE A 1 -11.32 4.30 16.46
C MSE A 1 -9.91 3.71 16.16
O MSE A 1 -9.30 4.02 15.12
CB MSE A 1 -12.25 4.27 15.25
CG MSE A 1 -12.60 2.89 14.71
SE MSE A 1 -14.30 2.07 15.33
CE MSE A 1 -14.32 0.59 14.15
N SER A 2 -9.41 2.88 17.09
CA SER A 2 -8.09 2.29 17.02
C SER A 2 -7.99 1.18 15.95
N LEU A 3 -6.77 0.76 15.63
CA LEU A 3 -6.63 -0.36 14.71
C LEU A 3 -7.29 -1.60 15.32
N ASN A 4 -7.16 -1.76 16.64
CA ASN A 4 -7.78 -2.91 17.30
C ASN A 4 -9.30 -2.90 17.05
N ASP A 5 -9.92 -1.72 17.25
CA ASP A 5 -11.36 -1.54 17.02
C ASP A 5 -11.74 -1.86 15.56
N PHE A 6 -11.00 -1.27 14.63
CA PHE A 6 -11.23 -1.49 13.20
C PHE A 6 -11.18 -2.98 12.84
N LEU A 7 -10.08 -3.65 13.20
CA LEU A 7 -9.92 -5.06 12.85
C LEU A 7 -11.01 -5.93 13.49
N SER A 8 -11.32 -5.65 14.76
CA SER A 8 -12.34 -6.43 15.50
C SER A 8 -13.70 -6.32 14.84
N SER A 9 -13.99 -5.16 14.27
CA SER A 9 -15.30 -4.90 13.66
C SER A 9 -15.53 -5.77 12.42
N VAL A 10 -14.46 -6.29 11.81
CA VAL A 10 -14.62 -7.08 10.59
C VAL A 10 -14.23 -8.54 10.78
N LEU A 11 -13.80 -8.89 11.99
CA LEU A 11 -13.43 -10.27 12.29
C LEU A 11 -14.58 -11.03 12.92
N PRO A 12 -14.66 -12.36 12.68
CA PRO A 12 -15.85 -13.12 13.13
C PRO A 12 -16.04 -13.09 14.64
N VAL A 13 -17.29 -12.86 15.02
CA VAL A 13 -17.66 -12.73 16.42
C VAL A 13 -17.11 -13.87 17.29
N SER A 14 -16.55 -13.47 18.44
CA SER A 14 -16.02 -14.39 19.48
C SER A 14 -14.78 -15.19 19.10
N GLU A 15 -14.23 -14.92 17.92
CA GLU A 15 -13.03 -15.61 17.49
C GLU A 15 -11.80 -14.76 17.81
N GLN A 16 -10.72 -15.41 18.25
CA GLN A 16 -9.49 -14.76 18.66
C GLN A 16 -8.44 -14.65 17.52
N PHE A 17 -7.85 -13.46 17.40
CA PHE A 17 -6.79 -13.17 16.45
C PHE A 17 -5.73 -12.30 17.15
N GLU A 18 -4.56 -12.22 16.52
CA GLU A 18 -3.51 -11.29 16.92
C GLU A 18 -3.07 -10.58 15.67
N TYR A 19 -2.50 -9.40 15.84
CA TYR A 19 -1.92 -8.67 14.71
C TYR A 19 -0.58 -8.06 15.04
N LEU A 20 0.23 -7.95 13.99
CA LEU A 20 1.44 -7.16 14.01
C LEU A 20 1.16 -5.97 13.10
N SER A 21 1.46 -4.77 13.59
CA SER A 21 1.37 -3.57 12.77
C SER A 21 2.72 -2.88 12.94
N LEU A 22 3.55 -3.00 11.90
CA LEU A 22 4.95 -2.62 11.97
C LEU A 22 5.14 -1.40 11.08
N GLN A 23 5.99 -0.47 11.49
CA GLN A 23 6.17 0.76 10.72
C GLN A 23 7.64 1.19 10.73
N SER A 24 8.11 1.63 9.56
CA SER A 24 9.45 2.16 9.43
C SER A 24 9.48 3.60 9.97
N ILE A 25 10.68 4.08 10.28
CA ILE A 25 10.87 5.47 10.65
C ILE A 25 10.74 6.35 9.39
N PRO A 26 9.84 7.36 9.42
CA PRO A 26 9.64 8.17 8.19
C PRO A 26 10.97 8.76 7.70
N LEU A 27 11.14 8.81 6.38
CA LEU A 27 12.43 9.10 5.75
C LEU A 27 12.22 10.12 4.67
N GLU A 28 13.07 11.13 4.62
CA GLU A 28 13.04 12.08 3.52
C GLU A 28 13.62 11.39 2.28
N THR A 29 12.93 11.51 1.16
CA THR A 29 13.29 10.76 -0.05
C THR A 29 13.11 11.63 -1.31
N HIS A 30 13.39 11.07 -2.49
CA HIS A 30 13.14 11.77 -3.76
C HIS A 30 11.64 11.80 -4.08
N ALA A 31 11.26 12.69 -4.99
CA ALA A 31 9.86 12.85 -5.37
C ALA A 31 9.27 11.54 -5.88
N VAL A 32 7.98 11.36 -5.62
CA VAL A 32 7.22 10.22 -6.14
C VAL A 32 7.29 10.13 -7.68
N VAL A 33 7.02 11.24 -8.36
CA VAL A 33 7.11 11.31 -9.82
C VAL A 33 8.42 12.03 -10.15
N THR A 34 9.11 11.58 -11.20
CA THR A 34 10.32 12.25 -11.66
C THR A 34 10.05 13.74 -11.98
N PRO A 35 10.81 14.67 -11.33
CA PRO A 35 10.65 16.09 -11.60
C PRO A 35 11.07 16.51 -13.01
N ASN A 36 10.54 17.63 -13.48
CA ASN A 36 10.98 18.17 -14.76
C ASN A 36 11.46 19.61 -14.56
N LYS A 37 12.14 20.16 -15.56
CA LYS A 37 12.74 21.49 -15.46
C LYS A 37 11.71 22.62 -15.64
N ASP A 38 10.55 22.27 -16.17
CA ASP A 38 9.51 23.25 -16.53
C ASP A 38 8.50 23.41 -15.41
N ASP A 39 8.68 22.68 -14.32
CA ASP A 39 7.77 22.80 -13.19
C ASP A 39 8.13 24.06 -12.45
N LYS A 40 7.16 24.96 -12.35
CA LYS A 40 7.30 26.23 -11.65
C LYS A 40 7.42 26.03 -10.13
N ARG A 41 6.87 24.92 -9.64
CA ARG A 41 7.10 24.51 -8.24
C ARG A 41 7.30 23.00 -8.07
N VAL A 42 8.41 22.64 -7.44
CA VAL A 42 8.71 21.24 -7.09
C VAL A 42 8.51 21.02 -5.59
N PRO A 43 8.35 19.75 -5.16
CA PRO A 43 8.23 19.48 -3.72
C PRO A 43 9.41 20.02 -2.92
N LYS A 44 9.11 20.62 -1.77
CA LYS A 44 10.12 20.98 -0.80
C LYS A 44 10.65 19.72 -0.13
N SER A 45 9.77 18.74 0.07
CA SER A 45 10.14 17.51 0.73
C SER A 45 9.12 16.40 0.42
N THR A 46 9.62 15.18 0.40
CA THR A 46 8.81 13.98 0.26
C THR A 46 9.22 13.02 1.36
N ILE A 47 8.25 12.59 2.16
CA ILE A 47 8.50 11.79 3.35
C ILE A 47 7.83 10.42 3.13
N LYS A 48 8.62 9.36 3.18
CA LYS A 48 8.14 8.03 2.88
C LYS A 48 8.13 7.16 4.12
N THR A 49 7.03 6.44 4.33
CA THR A 49 6.89 5.56 5.48
C THR A 49 6.24 4.26 5.03
N GLN A 50 6.72 3.15 5.58
CA GLN A 50 6.17 1.84 5.25
C GLN A 50 5.36 1.35 6.43
N HIS A 51 4.14 0.87 6.17
CA HIS A 51 3.35 0.16 7.17
C HIS A 51 3.31 -1.30 6.74
N PHE A 52 3.62 -2.24 7.64
CA PHE A 52 3.59 -3.66 7.27
C PHE A 52 2.73 -4.38 8.32
N PHE A 53 1.72 -5.11 7.86
CA PHE A 53 0.73 -5.70 8.77
C PHE A 53 0.75 -7.20 8.59
N SER A 54 0.61 -7.94 9.69
CA SER A 54 0.38 -9.40 9.60
C SER A 54 -0.72 -9.78 10.56
N LEU A 55 -1.61 -10.65 10.14
CA LEU A 55 -2.67 -11.16 11.01
C LEU A 55 -2.35 -12.64 11.32
N PHE A 56 -2.65 -13.05 12.55
CA PHE A 56 -2.35 -14.38 13.08
C PHE A 56 -3.65 -14.95 13.65
N HIS A 57 -3.77 -16.27 13.59
CA HIS A 57 -4.89 -16.98 14.19
C HIS A 57 -4.31 -18.27 14.69
N GLN A 58 -4.58 -18.59 15.94
CA GLN A 58 -4.17 -19.89 16.50
C GLN A 58 -2.69 -20.16 16.36
N GLY A 59 -1.89 -19.11 16.60
CA GLY A 59 -0.44 -19.26 16.65
C GLY A 59 0.24 -19.44 15.30
N LYS A 60 -0.42 -18.95 14.25
CA LYS A 60 0.06 -19.05 12.88
C LYS A 60 -0.24 -17.76 12.10
N VAL A 61 0.75 -17.22 11.41
CA VAL A 61 0.47 -16.08 10.52
C VAL A 61 -0.36 -16.59 9.34
N PHE A 62 -1.30 -15.78 8.82
CA PHE A 62 -2.05 -16.25 7.64
C PHE A 62 -2.27 -15.17 6.59
N PHE A 63 -1.94 -13.92 6.90
CA PHE A 63 -2.23 -12.79 6.00
C PHE A 63 -1.21 -11.69 6.25
N SER A 64 -0.80 -10.99 5.19
CA SER A 64 0.11 -9.84 5.38
C SER A 64 -0.20 -8.80 4.32
N LEU A 65 0.13 -7.54 4.63
CA LEU A 65 -0.19 -6.43 3.76
C LEU A 65 0.88 -5.37 3.90
N GLU A 66 1.38 -4.90 2.77
CA GLU A 66 2.48 -3.91 2.75
C GLU A 66 1.97 -2.66 2.07
N VAL A 67 2.07 -1.54 2.77
CA VAL A 67 1.52 -0.24 2.35
C VAL A 67 2.61 0.82 2.59
N TYR A 68 2.77 1.71 1.63
CA TYR A 68 3.67 2.86 1.78
C TYR A 68 2.85 4.12 1.80
N VAL A 69 3.24 5.07 2.67
CA VAL A 69 2.57 6.36 2.66
C VAL A 69 3.61 7.39 2.31
N TYR A 70 3.34 8.21 1.30
CA TYR A 70 4.18 9.34 0.94
C TYR A 70 3.47 10.64 1.27
N VAL A 71 4.10 11.51 2.04
CA VAL A 71 3.61 12.86 2.24
C VAL A 71 4.55 13.83 1.50
N THR A 72 3.96 14.56 0.55
CA THR A 72 4.70 15.50 -0.29
C THR A 72 4.33 16.89 0.16
N LEU A 73 5.35 17.70 0.42
CA LEU A 73 5.16 19.04 0.93
C LEU A 73 5.63 20.06 -0.10
N TRP A 74 4.78 21.03 -0.38
CA TRP A 74 5.20 22.17 -1.20
C TRP A 74 5.50 23.38 -0.34
N ASP A 75 4.69 23.60 0.69
CA ASP A 75 5.01 24.55 1.76
C ASP A 75 4.16 24.21 2.99
N GLU A 76 4.08 25.19 3.91
CA GLU A 76 3.45 25.04 5.22
C GLU A 76 1.95 24.78 5.12
N ALA A 77 1.35 25.32 4.06
CA ALA A 77 -0.08 25.18 3.80
C ALA A 77 -0.43 24.26 2.62
N ASP A 78 0.57 23.70 1.93
CA ASP A 78 0.35 22.91 0.70
C ASP A 78 1.01 21.52 0.76
N ALA A 79 0.17 20.50 0.85
CA ALA A 79 0.64 19.14 0.97
C ALA A 79 -0.36 18.17 0.37
N GLU A 80 0.13 16.96 0.11
CA GLU A 80 -0.63 15.83 -0.40
C GLU A 80 -0.13 14.59 0.31
N ARG A 81 -1.01 13.62 0.49
CA ARG A 81 -0.55 12.31 0.94
C ARG A 81 -0.98 11.26 -0.07
N LEU A 82 -0.14 10.25 -0.23
CA LEU A 82 -0.46 9.17 -1.16
C LEU A 82 -0.24 7.85 -0.47
N ILE A 83 -1.23 6.97 -0.60
CA ILE A 83 -1.16 5.65 0.01
C ILE A 83 -0.95 4.66 -1.16
N PHE A 84 0.20 4.02 -1.18
CA PHE A 84 0.48 3.05 -2.21
C PHE A 84 0.28 1.68 -1.58
N VAL A 85 -0.73 0.96 -2.07
CA VAL A 85 -1.02 -0.37 -1.56
C VAL A 85 -0.19 -1.34 -2.42
N SER A 86 0.89 -1.83 -1.82
CA SER A 86 1.94 -2.55 -2.54
C SER A 86 1.67 -4.04 -2.75
N LYS A 87 1.40 -4.77 -1.67
CA LYS A 87 1.30 -6.23 -1.73
C LYS A 87 0.34 -6.67 -0.66
N ALA A 88 -0.59 -7.55 -1.03
CA ALA A 88 -1.46 -8.25 -0.09
C ALA A 88 -1.29 -9.74 -0.38
N ASP A 89 -1.19 -10.58 0.64
CA ASP A 89 -0.99 -12.01 0.42
C ASP A 89 -1.58 -12.82 1.58
N THR A 90 -1.89 -14.08 1.27
CA THR A 90 -2.33 -15.06 2.26
C THR A 90 -1.49 -16.31 2.07
N ASN A 91 -1.49 -17.19 3.05
CA ASN A 91 -0.76 -18.45 2.89
C ASN A 91 -1.66 -19.69 3.02
N GLY A 92 -2.96 -19.45 3.24
CA GLY A 92 -3.93 -20.52 3.45
C GLY A 92 -3.87 -21.29 4.75
N TYR A 93 -3.14 -20.80 5.78
CA TYR A 93 -3.04 -21.51 7.08
C TYR A 93 -3.89 -20.85 8.14
N CYS A 94 -5.11 -20.50 7.78
CA CYS A 94 -6.10 -19.99 8.73
C CYS A 94 -7.20 -21.04 8.79
N ASN A 95 -7.50 -21.55 9.97
CA ASN A 95 -8.46 -22.65 10.08
C ASN A 95 -9.89 -22.18 10.32
N THR A 96 -10.14 -20.91 10.06
CA THR A 96 -11.46 -20.35 10.21
C THR A 96 -11.75 -19.43 9.01
N ARG A 97 -13.03 -19.19 8.72
CA ARG A 97 -13.42 -18.32 7.63
C ARG A 97 -13.29 -16.87 8.08
N VAL A 98 -12.47 -16.10 7.38
CA VAL A 98 -12.43 -14.65 7.53
C VAL A 98 -12.61 -13.99 6.15
N SER A 99 -13.03 -12.74 6.16
CA SER A 99 -13.08 -11.93 4.95
C SER A 99 -11.77 -11.16 4.83
N VAL A 100 -10.88 -11.65 3.97
CA VAL A 100 -9.60 -10.96 3.73
C VAL A 100 -9.86 -9.62 3.05
N ARG A 101 -10.90 -9.59 2.22
CA ARG A 101 -11.35 -8.36 1.57
C ARG A 101 -11.62 -7.25 2.60
N ASP A 102 -12.43 -7.56 3.61
CA ASP A 102 -12.83 -6.58 4.63
C ASP A 102 -11.67 -6.26 5.57
N ILE A 103 -10.85 -7.25 5.91
CA ILE A 103 -9.62 -7.01 6.68
C ILE A 103 -8.77 -5.95 5.96
N THR A 104 -8.55 -6.16 4.66
CA THR A 104 -7.74 -5.25 3.85
C THR A 104 -8.39 -3.86 3.79
N LYS A 105 -9.69 -3.82 3.52
CA LYS A 105 -10.43 -2.55 3.52
C LYS A 105 -10.24 -1.80 4.85
N ILE A 106 -10.38 -2.52 5.95
CA ILE A 106 -10.41 -1.85 7.26
C ILE A 106 -9.04 -1.34 7.67
N ILE A 107 -7.97 -2.06 7.28
CA ILE A 107 -6.63 -1.60 7.54
C ILE A 107 -6.38 -0.30 6.76
N LEU A 108 -6.83 -0.24 5.50
CA LEU A 108 -6.68 1.01 4.72
C LEU A 108 -7.49 2.15 5.34
N GLU A 109 -8.67 1.84 5.87
CA GLU A 109 -9.48 2.83 6.59
C GLU A 109 -8.76 3.37 7.81
N PHE A 110 -8.10 2.48 8.54
CA PHE A 110 -7.23 2.90 9.61
C PHE A 110 -6.11 3.85 9.15
N ILE A 111 -5.40 3.47 8.09
CA ILE A 111 -4.32 4.30 7.57
C ILE A 111 -4.86 5.69 7.12
N LEU A 112 -6.03 5.71 6.47
CA LEU A 112 -6.65 6.99 6.04
C LEU A 112 -6.97 7.94 7.21
N SER A 113 -7.15 7.37 8.40
CA SER A 113 -7.54 8.16 9.60
C SER A 113 -6.32 8.76 10.30
N ILE A 114 -5.14 8.41 9.83
CA ILE A 114 -3.93 8.91 10.48
C ILE A 114 -3.68 10.33 10.02
N ASP A 115 -3.43 11.23 10.98
CA ASP A 115 -3.09 12.63 10.68
C ASP A 115 -1.76 12.64 9.90
N PRO A 116 -1.71 13.28 8.71
CA PRO A 116 -0.43 13.25 7.97
C PRO A 116 0.73 13.87 8.79
N ASN A 117 0.40 14.69 9.78
CA ASN A 117 1.43 15.30 10.64
C ASN A 117 2.15 14.28 11.50
N TYR A 118 1.49 13.14 11.71
CA TYR A 118 2.12 12.01 12.40
C TYR A 118 3.45 11.58 11.76
N TYR A 119 3.51 11.59 10.44
CA TYR A 119 4.73 11.20 9.73
C TYR A 119 5.74 12.32 9.70
N LEU A 120 5.31 13.54 9.97
CA LEU A 120 6.19 14.73 9.83
C LEU A 120 6.92 15.13 11.12
N GLN A 121 6.59 14.47 12.23
CA GLN A 121 7.02 14.95 13.53
C GLN A 121 8.50 14.68 13.76
N LYS A 122 9.03 13.60 13.17
CA LYS A 122 10.41 13.17 13.39
C LYS A 122 10.89 12.39 12.16
N VAL A 123 11.50 13.10 11.21
CA VAL A 123 11.80 12.54 9.89
C VAL A 123 13.31 12.35 9.77
N LYS A 124 13.71 11.15 9.35
CA LYS A 124 15.11 10.85 9.14
C LYS A 124 15.55 11.58 7.87
N PRO A 125 16.59 12.41 7.96
CA PRO A 125 17.05 13.16 6.79
C PRO A 125 17.63 12.22 5.74
N ALA A 126 17.57 12.65 4.47
CA ALA A 126 18.27 11.98 3.40
C ALA A 126 19.76 12.23 3.64
N ILE A 127 20.59 11.29 3.25
CA ILE A 127 22.02 11.40 3.50
C ILE A 127 22.61 12.71 2.97
N GLY A 128 22.16 13.15 1.80
CA GLY A 128 22.71 14.34 1.14
C GLY A 128 22.59 15.64 1.93
N GLY A 129 23.07 15.63 3.18
CA GLY A 129 22.67 16.66 4.13
C GLY A 129 21.25 16.32 4.59
N SER A 130 21.02 16.16 5.89
CA SER A 130 21.89 16.65 6.97
C SER A 130 23.09 15.75 7.33
N GLY A 131 24.19 16.40 7.71
CA GLY A 131 25.52 15.80 7.94
C GLY A 131 25.82 14.94 9.16
N PHE A 132 26.81 15.35 9.96
CA PHE A 132 27.49 14.43 10.90
C PHE A 132 26.73 13.98 12.17
N GLN A 133 25.91 14.88 12.71
CA GLN A 133 25.09 14.60 13.90
C GLN A 133 24.18 13.39 13.65
N GLN A 134 24.28 12.40 14.52
CA GLN A 134 23.63 11.11 14.30
C GLN A 134 22.16 11.09 14.68
N ASP A 135 21.80 11.82 15.73
CA ASP A 135 20.44 11.76 16.23
C ASP A 135 19.62 13.00 15.86
N LEU A 136 19.87 13.50 14.65
CA LEU A 136 19.19 14.67 14.13
C LEU A 136 18.02 14.24 13.25
N TYR A 137 16.86 14.85 13.52
CA TYR A 137 15.64 14.53 12.80
C TYR A 137 15.01 15.83 12.31
N LEU A 138 14.36 15.76 11.15
CA LEU A 138 13.64 16.90 10.63
C LEU A 138 12.21 16.89 11.18
N SER A 139 11.56 18.04 11.21
CA SER A 139 10.13 18.05 11.52
C SER A 139 9.45 19.08 10.64
N PHE A 140 8.23 18.74 10.20
CA PHE A 140 7.44 19.63 9.38
C PHE A 140 6.01 19.65 9.92
N THR A 141 5.22 20.58 9.38
CA THR A 141 3.79 20.60 9.63
C THR A 141 3.07 20.77 8.29
N CYS A 142 1.81 20.35 8.26
CA CYS A 142 0.94 20.56 7.11
C CYS A 142 -0.48 20.57 7.68
N PRO A 143 -1.49 20.94 6.87
CA PRO A 143 -2.89 20.86 7.32
C PRO A 143 -3.31 19.41 7.48
N ARG A 144 -4.28 19.14 8.36
CA ARG A 144 -4.75 17.77 8.54
C ARG A 144 -5.58 17.30 7.35
N GLU A 145 -6.40 18.20 6.78
CA GLU A 145 -7.27 17.86 5.66
C GLU A 145 -6.55 18.12 4.34
N ILE A 146 -5.80 17.12 3.88
CA ILE A 146 -5.05 17.33 2.65
C ILE A 146 -5.53 16.38 1.59
N LEU A 147 -5.18 16.71 0.34
CA LEU A 147 -5.53 15.88 -0.81
C LEU A 147 -4.91 14.51 -0.57
N THR A 148 -5.72 13.47 -0.75
CA THR A 148 -5.36 12.13 -0.39
C THR A 148 -5.46 11.28 -1.67
N LYS A 149 -4.40 10.57 -2.00
CA LYS A 149 -4.40 9.70 -3.15
C LYS A 149 -4.18 8.28 -2.71
N ILE A 150 -4.72 7.33 -3.47
CA ILE A 150 -4.47 5.91 -3.20
C ILE A 150 -4.19 5.32 -4.57
N CYS A 151 -3.16 4.50 -4.66
CA CYS A 151 -2.71 3.92 -5.92
C CYS A 151 -2.44 2.45 -5.70
N LEU A 152 -2.84 1.63 -6.65
CA LEU A 152 -2.43 0.24 -6.61
C LEU A 152 -2.47 -0.39 -7.99
N PHE A 153 -1.69 -1.45 -8.15
CA PHE A 153 -1.57 -2.18 -9.40
C PHE A 153 -2.05 -3.62 -9.13
N THR A 154 -3.17 -4.03 -9.72
CA THR A 154 -3.63 -5.40 -9.48
C THR A 154 -2.94 -6.34 -10.44
N ARG A 155 -2.34 -7.40 -9.91
CA ARG A 155 -1.75 -8.45 -10.73
C ARG A 155 -1.60 -9.66 -9.84
N PRO A 156 -2.22 -10.78 -10.19
CA PRO A 156 -2.10 -11.96 -9.32
C PRO A 156 -0.72 -12.60 -9.43
N ALA A 157 -0.32 -13.32 -8.38
CA ALA A 157 0.86 -14.19 -8.44
C ALA A 157 0.59 -15.30 -7.44
N SER A 158 1.32 -16.41 -7.52
CA SER A 158 1.13 -17.52 -6.57
C SER A 158 1.41 -16.99 -5.14
N GLN A 159 2.33 -16.03 -5.01
CA GLN A 159 2.62 -15.39 -3.72
C GLN A 159 3.37 -14.06 -3.93
N TYR A 160 3.34 -13.21 -2.89
CA TYR A 160 4.15 -12.00 -2.82
C TYR A 160 4.92 -11.87 -1.51
N LEU A 161 4.34 -12.37 -0.42
CA LEU A 161 4.91 -12.22 0.92
C LEU A 161 5.16 -13.56 1.61
N PHE A 162 4.64 -14.66 1.03
CA PHE A 162 4.68 -15.97 1.71
C PHE A 162 5.30 -17.03 0.77
N PRO A 163 6.64 -17.14 0.71
CA PRO A 163 7.30 -18.04 -0.22
C PRO A 163 6.76 -19.46 -0.19
N ASP A 164 6.44 -19.97 -1.37
CA ASP A 164 5.96 -21.33 -1.62
C ASP A 164 4.60 -21.69 -1.00
N SER A 165 3.84 -20.66 -0.60
CA SER A 165 2.54 -20.88 0.02
C SER A 165 1.49 -21.43 -0.96
N SER A 166 1.71 -21.29 -2.27
CA SER A 166 0.81 -21.93 -3.26
C SER A 166 0.87 -23.46 -3.20
N LYS A 167 1.91 -24.02 -2.55
CA LYS A 167 1.98 -25.45 -2.29
C LYS A 167 0.96 -25.92 -1.25
N ASN A 168 0.44 -24.98 -0.46
CA ASN A 168 -0.64 -25.28 0.48
C ASN A 168 -1.93 -25.38 -0.31
N SER A 169 -2.56 -26.54 -0.30
CA SER A 169 -3.76 -26.72 -1.10
C SER A 169 -4.91 -25.82 -0.60
N LYS A 170 -4.79 -25.35 0.63
CA LYS A 170 -5.81 -24.45 1.19
C LYS A 170 -5.69 -23.00 0.75
N LYS A 171 -4.56 -22.64 0.12
CA LYS A 171 -4.43 -21.25 -0.31
C LYS A 171 -5.34 -20.93 -1.49
N HIS A 172 -6.07 -19.81 -1.39
CA HIS A 172 -7.02 -19.43 -2.41
C HIS A 172 -6.40 -18.33 -3.26
N ILE A 173 -6.06 -18.65 -4.51
CA ILE A 173 -5.46 -17.67 -5.42
C ILE A 173 -6.49 -17.12 -6.41
N LEU A 174 -6.74 -15.82 -6.36
CA LEU A 174 -7.67 -15.17 -7.31
C LEU A 174 -7.00 -15.00 -8.67
N ASN A 175 -7.75 -15.29 -9.75
CA ASN A 175 -7.24 -15.05 -11.09
C ASN A 175 -7.26 -13.52 -11.33
N GLY A 176 -6.73 -13.07 -12.46
CA GLY A 176 -6.54 -11.62 -12.63
C GLY A 176 -7.84 -10.82 -12.67
N GLU A 177 -8.86 -11.38 -13.29
CA GLU A 177 -10.19 -10.77 -13.32
C GLU A 177 -10.86 -10.68 -11.94
N GLU A 178 -10.87 -11.79 -11.20
CA GLU A 178 -11.41 -11.81 -9.85
C GLU A 178 -10.66 -10.85 -8.94
N LEU A 179 -9.34 -10.81 -9.08
CA LEU A 179 -8.51 -9.93 -8.28
C LEU A 179 -8.79 -8.45 -8.54
N MSE A 180 -9.02 -8.10 -9.80
CA MSE A 180 -9.38 -6.72 -10.14
C MSE A 180 -10.71 -6.34 -9.48
O MSE A 180 -10.86 -5.27 -8.88
CB MSE A 180 -9.46 -6.51 -11.65
CG MSE A 180 -10.10 -5.16 -12.00
SE MSE A 180 -10.12 -4.98 -13.89
CE MSE A 180 -11.80 -6.09 -14.22
N LYS A 181 -11.68 -7.23 -9.56
CA LYS A 181 -13.00 -7.01 -8.95
C LYS A 181 -12.95 -6.93 -7.42
N TRP A 182 -12.04 -7.69 -6.84
CA TRP A 182 -11.83 -7.73 -5.41
C TRP A 182 -11.31 -6.39 -4.89
N TRP A 183 -10.23 -5.88 -5.51
CA TRP A 183 -9.71 -4.60 -5.16
C TRP A 183 -10.72 -3.49 -5.51
N GLY A 184 -11.45 -3.68 -6.61
CA GLY A 184 -12.49 -2.74 -7.06
C GLY A 184 -13.55 -2.51 -6.01
N PHE A 185 -14.02 -3.62 -5.41
CA PHE A 185 -14.96 -3.60 -4.31
C PHE A 185 -14.38 -2.86 -3.09
N ILE A 186 -13.15 -3.19 -2.71
CA ILE A 186 -12.49 -2.53 -1.59
C ILE A 186 -12.41 -1.02 -1.79
N LEU A 187 -11.93 -0.58 -2.95
CA LEU A 187 -11.82 0.86 -3.20
C LEU A 187 -13.19 1.53 -3.27
N ASP A 188 -14.17 0.85 -3.89
CA ASP A 188 -15.51 1.41 -3.98
C ASP A 188 -15.99 1.71 -2.55
N ARG A 189 -15.76 0.78 -1.61
CA ARG A 189 -16.23 0.95 -0.23
C ARG A 189 -15.46 2.07 0.47
N LEU A 190 -14.15 2.15 0.23
CA LEU A 190 -13.36 3.28 0.78
C LEU A 190 -13.92 4.61 0.30
N LEU A 191 -14.30 4.68 -0.97
CA LEU A 191 -14.83 5.94 -1.51
C LEU A 191 -16.13 6.31 -0.80
N ILE A 192 -17.03 5.34 -0.68
CA ILE A 192 -18.34 5.59 -0.07
C ILE A 192 -18.22 5.87 1.43
N GLU A 193 -17.35 5.13 2.11
CA GLU A 193 -17.21 5.28 3.56
C GLU A 193 -16.28 6.40 4.00
N CYS A 194 -15.29 6.78 3.19
CA CYS A 194 -14.22 7.64 3.67
C CYS A 194 -13.91 8.89 2.83
N PHE A 195 -14.48 9.01 1.63
CA PHE A 195 -14.16 10.16 0.77
C PHE A 195 -15.35 11.05 0.47
N GLN A 196 -15.05 12.31 0.18
CA GLN A 196 -16.08 13.26 -0.21
C GLN A 196 -16.55 12.93 -1.61
N ASN A 197 -17.74 13.41 -1.94
CA ASN A 197 -18.42 13.15 -3.19
C ASN A 197 -17.74 13.81 -4.39
N ASP A 198 -16.75 14.66 -4.18
CA ASP A 198 -16.16 15.25 -5.38
C ASP A 198 -14.84 14.55 -5.83
N THR A 199 -14.66 13.29 -5.43
CA THR A 199 -13.37 12.60 -5.51
C THR A 199 -13.18 11.90 -6.88
N GLN A 200 -11.97 11.95 -7.40
CA GLN A 200 -11.57 11.18 -8.60
C GLN A 200 -11.44 9.72 -8.27
N ALA A 201 -12.04 8.86 -9.08
CA ALA A 201 -11.91 7.40 -8.90
C ALA A 201 -11.65 6.82 -10.29
N LYS A 202 -10.50 6.16 -10.49
CA LYS A 202 -10.06 5.83 -11.84
C LYS A 202 -9.64 4.38 -11.94
N LEU A 203 -9.95 3.77 -13.08
CA LEU A 203 -9.55 2.41 -13.37
C LEU A 203 -9.04 2.35 -14.81
N ARG A 204 -7.92 1.67 -15.02
CA ARG A 204 -7.57 1.31 -16.38
C ARG A 204 -6.99 -0.09 -16.42
N ILE A 205 -7.17 -0.74 -17.57
CA ILE A 205 -6.64 -2.07 -17.78
C ILE A 205 -5.68 -1.96 -18.95
N PRO A 206 -4.38 -1.79 -18.66
CA PRO A 206 -3.38 -1.56 -19.72
C PRO A 206 -3.54 -2.49 -20.86
N GLY A 207 -3.50 -1.89 -22.06
CA GLY A 207 -3.54 -2.65 -23.29
C GLY A 207 -4.95 -2.94 -23.76
N GLU A 208 -5.94 -2.63 -22.93
CA GLU A 208 -7.33 -2.85 -23.32
C GLU A 208 -8.00 -1.55 -23.69
N ASP A 209 -8.94 -1.69 -24.61
CA ASP A 209 -9.85 -0.64 -25.05
C ASP A 209 -10.72 -0.26 -23.85
N PRO A 210 -10.97 1.05 -23.64
CA PRO A 210 -11.81 1.54 -22.53
C PRO A 210 -13.25 1.01 -22.43
N ALA A 211 -13.81 0.50 -23.54
CA ALA A 211 -15.22 0.03 -23.57
C ALA A 211 -15.48 -1.03 -22.53
N ARG A 212 -14.60 -2.01 -22.42
CA ARG A 212 -14.76 -3.06 -21.43
C ARG A 212 -14.46 -2.58 -20.01
N VAL A 213 -13.51 -1.66 -19.86
CA VAL A 213 -13.27 -1.07 -18.55
C VAL A 213 -14.57 -0.39 -18.06
N ARG A 214 -15.15 0.44 -18.93
CA ARG A 214 -16.38 1.20 -18.65
C ARG A 214 -17.53 0.27 -18.26
N SER A 215 -17.54 -0.93 -18.84
CA SER A 215 -18.57 -1.92 -18.61
C SER A 215 -18.65 -2.27 -17.13
N TYR A 216 -17.54 -2.79 -16.61
CA TYR A 216 -17.38 -3.09 -15.21
C TYR A 216 -17.80 -1.90 -14.30
N LEU A 217 -17.24 -0.73 -14.54
CA LEU A 217 -17.49 0.42 -13.65
C LEU A 217 -18.98 0.70 -13.34
N ARG A 218 -19.87 0.26 -14.23
CA ARG A 218 -21.32 0.49 -14.10
C ARG A 218 -21.92 -0.12 -12.82
N GLY A 219 -21.30 -1.20 -12.31
CA GLY A 219 -21.74 -1.81 -11.05
C GLY A 219 -21.21 -1.21 -9.74
N MSE A 220 -20.37 -0.18 -9.83
CA MSE A 220 -19.82 0.47 -8.63
C MSE A 220 -20.91 1.28 -7.92
O MSE A 220 -21.80 1.82 -8.59
CB MSE A 220 -18.69 1.42 -9.04
CG MSE A 220 -17.50 0.73 -9.71
SE MSE A 220 -16.68 -0.56 -8.40
CE MSE A 220 -14.90 -0.54 -9.06
N LYS A 221 -20.84 1.41 -6.59
CA LYS A 221 -21.76 2.32 -5.87
C LYS A 221 -21.28 3.77 -5.81
N TYR A 222 -19.95 3.99 -5.73
CA TYR A 222 -19.44 5.37 -5.84
C TYR A 222 -19.82 5.92 -7.24
N PRO A 223 -20.53 7.07 -7.31
CA PRO A 223 -21.08 7.47 -8.60
C PRO A 223 -20.11 8.13 -9.61
N LEU A 224 -18.86 8.34 -9.24
CA LEU A 224 -17.93 9.06 -10.10
C LEU A 224 -16.68 8.28 -10.55
N TRP A 225 -16.80 6.96 -10.69
CA TRP A 225 -15.71 6.22 -11.29
C TRP A 225 -15.57 6.55 -12.77
N GLN A 226 -14.32 6.69 -13.23
CA GLN A 226 -14.10 6.89 -14.66
C GLN A 226 -12.99 5.97 -15.12
N VAL A 227 -12.97 5.65 -16.42
CA VAL A 227 -11.82 4.93 -17.03
C VAL A 227 -10.64 5.89 -17.17
N GLY A 228 -9.46 5.48 -16.72
CA GLY A 228 -8.29 6.35 -16.84
C GLY A 228 -7.39 6.18 -15.65
N ASP A 229 -6.76 7.27 -15.21
CA ASP A 229 -5.84 7.21 -14.06
C ASP A 229 -5.77 8.61 -13.43
N ILE A 230 -5.12 8.71 -12.28
CA ILE A 230 -4.99 10.01 -11.59
C ILE A 230 -3.74 10.79 -11.97
N PHE A 231 -3.04 10.35 -13.01
CA PHE A 231 -1.75 10.94 -13.33
C PHE A 231 -1.86 12.21 -14.16
N THR A 232 -0.85 13.07 -14.06
CA THR A 232 -0.82 14.35 -14.77
C THR A 232 -0.40 14.11 -16.23
N SER A 233 -0.37 15.17 -17.02
CA SER A 233 0.06 15.07 -18.40
C SER A 233 1.09 16.15 -18.68
N LYS A 234 2.01 16.30 -17.73
CA LYS A 234 3.17 17.19 -17.86
C LYS A 234 4.06 16.78 -19.05
N GLU A 235 4.75 17.77 -19.61
CA GLU A 235 5.82 17.55 -20.59
C GLU A 235 5.36 16.76 -21.81
N ASN A 236 4.31 17.25 -22.44
CA ASN A 236 3.72 16.63 -23.64
C ASN A 236 3.27 15.18 -23.38
N SER A 237 2.79 14.96 -22.16
CA SER A 237 2.34 13.65 -21.70
C SER A 237 3.45 12.59 -21.79
N LEU A 238 4.70 12.99 -21.62
CA LEU A 238 5.75 11.98 -21.46
C LEU A 238 5.50 11.15 -20.21
N ALA A 239 5.55 9.82 -20.36
CA ALA A 239 5.33 8.84 -19.26
C ALA A 239 6.26 9.14 -18.08
N VAL A 240 7.57 9.31 -18.34
CA VAL A 240 8.55 9.58 -17.27
C VAL A 240 8.22 10.77 -16.35
N TYR A 241 7.54 11.79 -16.88
CA TYR A 241 7.25 12.97 -16.07
C TYR A 241 5.90 12.92 -15.38
N ASN A 242 5.18 11.80 -15.55
CA ASN A 242 3.85 11.66 -14.97
C ASN A 242 3.60 10.38 -14.18
N ILE A 243 4.37 9.35 -14.44
CA ILE A 243 4.22 8.04 -13.77
C ILE A 243 4.93 8.02 -12.40
N PRO A 244 4.18 7.71 -11.30
CA PRO A 244 4.75 7.58 -9.98
C PRO A 244 5.61 6.32 -9.92
N LEU A 245 6.71 6.39 -9.17
CA LEU A 245 7.66 5.29 -9.12
C LEU A 245 7.68 4.69 -7.73
N PHE A 246 7.05 3.52 -7.61
CA PHE A 246 6.76 2.86 -6.37
C PHE A 246 7.60 1.57 -6.22
N PRO A 247 7.85 1.17 -4.97
CA PRO A 247 8.65 -0.04 -4.71
C PRO A 247 8.03 -1.28 -5.29
N ASP A 248 8.84 -2.02 -6.04
CA ASP A 248 8.46 -3.31 -6.62
C ASP A 248 7.27 -3.26 -7.56
N ASP A 249 6.95 -2.07 -8.08
CA ASP A 249 5.71 -1.88 -8.86
C ASP A 249 5.98 -2.06 -10.35
N PRO A 250 5.05 -2.72 -11.10
CA PRO A 250 5.26 -2.88 -12.54
C PRO A 250 5.48 -1.60 -13.38
OH ALY A 251 0.43 1.79 -8.76
CH ALY A 251 0.61 2.54 -9.75
CH3 ALY A 251 -0.37 3.58 -10.03
NZ ALY A 251 1.64 2.49 -10.61
CE ALY A 251 1.88 3.39 -11.75
CD ALY A 251 1.68 2.68 -13.11
CG ALY A 251 2.64 1.47 -13.29
CB ALY A 251 4.13 1.88 -13.24
CA ALY A 251 5.07 0.77 -13.73
N ALY A 251 4.90 -0.47 -12.97
C ALY A 251 6.50 1.22 -13.65
O ALY A 251 7.08 1.57 -14.65
N ALA A 252 7.08 1.23 -12.44
CA ALA A 252 8.46 1.63 -12.25
C ALA A 252 9.39 0.64 -12.91
N ARG A 253 9.06 -0.65 -12.83
CA ARG A 253 9.85 -1.67 -13.53
C ARG A 253 9.95 -1.33 -15.04
N PHE A 254 8.83 -0.94 -15.64
CA PHE A 254 8.81 -0.60 -17.06
C PHE A 254 9.50 0.74 -17.36
N ILE A 255 9.32 1.74 -16.49
CA ILE A 255 10.09 3.00 -16.64
C ILE A 255 11.60 2.74 -16.68
N HIS A 256 12.09 1.88 -15.77
CA HIS A 256 13.52 1.53 -15.74
C HIS A 256 13.97 0.77 -17.01
N GLN A 257 13.11 -0.10 -17.52
CA GLN A 257 13.33 -0.71 -18.83
C GLN A 257 13.49 0.34 -19.94
N LEU A 258 12.60 1.34 -19.97
CA LEU A 258 12.71 2.44 -20.96
C LEU A 258 13.97 3.27 -20.76
N ALA A 259 14.36 3.46 -19.49
CA ALA A 259 15.61 4.12 -19.17
C ALA A 259 16.78 3.34 -19.79
N GLU A 260 16.80 2.02 -19.61
CA GLU A 260 17.88 1.19 -20.17
C GLU A 260 17.90 1.20 -21.70
N GLU A 261 16.73 1.41 -22.29
CA GLU A 261 16.57 1.50 -23.75
C GLU A 261 16.81 2.92 -24.31
N ASP A 262 17.01 3.90 -23.42
CA ASP A 262 17.18 5.31 -23.80
C ASP A 262 15.95 5.92 -24.50
N ARG A 263 14.75 5.58 -24.00
CA ARG A 263 13.49 6.00 -24.64
C ARG A 263 12.58 6.83 -23.76
N LEU A 264 13.09 7.32 -22.64
CA LEU A 264 12.25 8.09 -21.70
C LEU A 264 11.68 9.36 -22.30
N LEU A 265 12.35 9.90 -23.32
CA LEU A 265 11.88 11.11 -23.98
C LEU A 265 11.07 10.79 -25.21
N LYS A 266 10.85 9.50 -25.47
CA LYS A 266 10.16 9.06 -26.68
C LYS A 266 8.78 8.46 -26.38
N VAL A 267 8.55 8.10 -25.12
CA VAL A 267 7.35 7.34 -24.78
C VAL A 267 6.31 8.19 -24.03
N SER A 268 5.19 8.43 -24.72
CA SER A 268 4.06 9.16 -24.15
C SER A 268 3.31 8.26 -23.17
N LEU A 269 2.44 8.86 -22.35
CA LEU A 269 1.55 8.09 -21.47
C LEU A 269 0.76 7.05 -22.24
N SER A 270 0.21 7.43 -23.42
CA SER A 270 -0.60 6.50 -24.20
C SER A 270 0.20 5.30 -24.72
N SER A 271 1.44 5.55 -25.14
CA SER A 271 2.31 4.45 -25.59
C SER A 271 2.75 3.59 -24.43
N PHE A 272 3.00 4.23 -23.28
CA PHE A 272 3.43 3.55 -22.05
C PHE A 272 2.45 2.44 -21.71
N TRP A 273 1.16 2.76 -21.69
CA TRP A 273 0.13 1.79 -21.35
C TRP A 273 0.04 0.65 -22.35
N ILE A 274 0.20 0.96 -23.62
CA ILE A 274 0.23 -0.07 -24.65
C ILE A 274 1.47 -0.95 -24.49
N GLU A 275 2.64 -0.34 -24.37
CA GLU A 275 3.89 -1.10 -24.31
C GLU A 275 4.05 -1.87 -23.00
N LEU A 276 3.56 -1.30 -21.89
CA LEU A 276 3.62 -1.95 -20.57
C LEU A 276 3.01 -3.33 -20.66
N GLN A 277 1.97 -3.39 -21.50
CA GLN A 277 1.23 -4.61 -21.78
C GLN A 277 1.98 -5.40 -22.84
N GLU A 278 2.07 -4.83 -24.05
CA GLU A 278 2.78 -5.42 -25.19
C GLU A 278 3.91 -6.37 -24.81
N ARG A 279 4.95 -5.83 -24.17
CA ARG A 279 6.24 -6.52 -24.11
C ARG A 279 6.50 -7.37 -22.86
N GLN A 280 5.42 -7.77 -22.19
CA GLN A 280 5.53 -8.78 -21.13
C GLN A 280 4.43 -9.82 -21.43
N GLU A 281 4.13 -10.01 -22.72
CA GLU A 281 2.78 -10.54 -22.91
C GLU A 281 2.46 -12.04 -22.79
N PHE A 282 2.75 -12.85 -23.82
CA PHE A 282 2.00 -14.12 -23.97
C PHE A 282 1.84 -15.05 -22.75
N LYS A 283 2.72 -16.05 -22.60
CA LYS A 283 2.48 -17.11 -21.62
C LYS A 283 2.33 -16.67 -20.16
N LEU A 284 2.90 -15.50 -19.84
CA LEU A 284 2.82 -14.90 -18.50
C LEU A 284 1.66 -13.88 -18.34
N SER A 285 0.96 -13.60 -19.44
CA SER A 285 -0.22 -12.71 -19.46
C SER A 285 -1.35 -13.11 -18.52
N VAL A 286 -1.76 -12.14 -17.72
CA VAL A 286 -2.87 -12.24 -16.79
C VAL A 286 -3.44 -10.82 -16.76
N THR A 287 -4.73 -10.69 -16.48
CA THR A 287 -5.35 -9.38 -16.34
C THR A 287 -4.64 -8.60 -15.22
N SER A 288 -4.17 -7.41 -15.57
CA SER A 288 -3.61 -6.44 -14.63
C SER A 288 -4.40 -5.15 -14.74
N SER A 289 -4.54 -4.40 -13.65
CA SER A 289 -5.19 -3.12 -13.75
C SER A 289 -4.48 -2.13 -12.83
N VAL A 290 -4.69 -0.85 -13.11
CA VAL A 290 -4.18 0.26 -12.29
C VAL A 290 -5.40 0.99 -11.77
N MSE A 291 -5.42 1.20 -10.45
CA MSE A 291 -6.49 1.96 -9.82
C MSE A 291 -5.94 3.14 -9.04
O MSE A 291 -4.84 3.08 -8.44
CB MSE A 291 -7.32 1.08 -8.86
CG MSE A 291 -7.83 -0.16 -9.47
SE MSE A 291 -9.05 -1.12 -8.24
CE MSE A 291 -9.40 -2.62 -9.38
N GLY A 292 -6.73 4.21 -9.07
CA GLY A 292 -6.32 5.48 -8.49
C GLY A 292 -7.50 6.21 -7.88
N ILE A 293 -7.25 6.77 -6.71
CA ILE A 293 -8.24 7.64 -6.05
C ILE A 293 -7.53 8.95 -5.74
N SER A 294 -8.22 10.06 -5.95
CA SER A 294 -7.66 11.34 -5.57
C SER A 294 -8.76 12.27 -5.07
N GLY A 295 -8.73 12.60 -3.79
CA GLY A 295 -9.73 13.50 -3.21
C GLY A 295 -9.51 13.75 -1.71
N TYR A 296 -10.54 14.28 -1.07
CA TYR A 296 -10.49 14.65 0.35
C TYR A 296 -11.31 13.69 1.19
N SER A 297 -10.85 13.43 2.40
CA SER A 297 -11.50 12.53 3.36
C SER A 297 -12.77 13.15 3.88
N LEU A 298 -13.76 12.32 4.19
CA LEU A 298 -15.01 12.80 4.78
C LEU A 298 -14.79 13.33 6.18
N ALA A 299 -13.95 12.62 6.94
CA ALA A 299 -13.60 12.97 8.32
C ALA A 299 -12.14 13.46 8.31
N THR A 300 -11.87 14.57 8.99
CA THR A 300 -10.49 15.09 9.01
C THR A 300 -9.59 14.09 9.75
N PRO A 301 -8.50 13.63 9.11
CA PRO A 301 -7.62 12.67 9.78
C PRO A 301 -6.87 13.34 10.94
N SER A 302 -7.05 12.84 12.15
CA SER A 302 -6.35 13.41 13.29
C SER A 302 -5.73 12.44 14.29
N LEU A 303 -5.60 11.17 13.90
CA LEU A 303 -5.06 10.17 14.79
C LEU A 303 -3.54 10.15 14.69
N PHE A 304 -2.88 10.13 15.85
CA PHE A 304 -1.47 9.77 15.92
C PHE A 304 -1.45 8.37 16.56
N PRO A 305 -1.23 7.30 15.73
CA PRO A 305 -1.27 5.94 16.25
C PRO A 305 -0.53 5.74 17.58
N SER A 306 -1.18 5.00 18.49
CA SER A 306 -0.61 4.62 19.79
C SER A 306 0.35 3.44 19.63
N SER A 307 1.01 3.05 20.72
CA SER A 307 1.79 1.82 20.70
C SER A 307 0.93 0.55 20.46
N ALA A 308 -0.36 0.63 20.74
CA ALA A 308 -1.24 -0.50 20.45
C ALA A 308 -1.53 -0.59 18.95
N ASP A 309 -1.60 0.57 18.29
CA ASP A 309 -1.87 0.67 16.85
C ASP A 309 -0.67 0.28 15.97
N VAL A 310 0.55 0.64 16.39
CA VAL A 310 1.73 0.45 15.57
C VAL A 310 2.96 0.24 16.44
N ILE A 311 3.89 -0.59 15.94
CA ILE A 311 5.18 -0.77 16.59
C ILE A 311 6.20 -0.16 15.63
N VAL A 312 7.05 0.75 16.12
CA VAL A 312 8.03 1.40 15.28
C VAL A 312 9.40 1.04 15.83
N PRO A 313 10.06 0.04 15.21
CA PRO A 313 11.39 -0.34 15.69
C PRO A 313 12.36 0.85 15.67
N LYS A 314 13.30 0.83 16.62
CA LYS A 314 14.29 1.88 16.77
C LYS A 314 15.27 1.98 15.60
N SER A 315 15.31 0.96 14.75
CA SER A 315 16.25 0.96 13.62
C SER A 315 15.68 0.21 12.44
N ARG A 316 16.19 0.54 11.26
CA ARG A 316 15.78 -0.19 10.06
C ARG A 316 16.17 -1.66 10.18
N LYS A 317 17.30 -1.93 10.85
CA LYS A 317 17.79 -3.28 11.05
C LYS A 317 16.74 -4.11 11.79
N GLN A 318 16.16 -3.55 12.85
CA GLN A 318 15.12 -4.25 13.61
C GLN A 318 13.86 -4.43 12.79
N PHE A 319 13.47 -3.38 12.08
CA PHE A 319 12.30 -3.43 11.19
C PHE A 319 12.48 -4.57 10.17
N ARG A 320 13.63 -4.57 9.49
CA ARG A 320 13.96 -5.59 8.48
C ARG A 320 13.94 -6.97 9.07
N ALA A 321 14.54 -7.15 10.25
CA ALA A 321 14.60 -8.47 10.89
C ALA A 321 13.21 -9.03 11.18
N ILE A 322 12.32 -8.19 11.69
CA ILE A 322 10.97 -8.60 12.02
C ILE A 322 10.21 -8.94 10.74
N LYS A 323 10.26 -8.07 9.73
CA LYS A 323 9.55 -8.34 8.49
C LYS A 323 10.06 -9.63 7.82
N LYS A 324 11.38 -9.85 7.88
CA LYS A 324 11.99 -11.06 7.32
C LYS A 324 11.51 -12.38 7.93
N TYR A 325 11.12 -12.37 9.21
CA TYR A 325 10.50 -13.56 9.80
C TYR A 325 9.22 -13.98 9.07
N ILE A 326 8.52 -13.02 8.46
CA ILE A 326 7.41 -13.36 7.56
C ILE A 326 7.90 -13.74 6.17
N THR A 327 8.60 -12.80 5.51
CA THR A 327 8.86 -12.92 4.10
C THR A 327 9.96 -13.90 3.73
N GLY A 328 10.81 -14.24 4.69
CA GLY A 328 11.96 -15.10 4.43
C GLY A 328 11.72 -16.55 4.83
N GLU A 329 10.52 -16.81 5.33
CA GLU A 329 10.13 -18.12 5.75
C GLU A 329 9.61 -18.92 4.55
N GLU A 330 9.56 -20.23 4.71
CA GLU A 330 9.04 -21.12 3.70
C GLU A 330 7.66 -21.61 4.14
N TYR A 331 6.67 -21.53 3.26
CA TYR A 331 5.27 -21.84 3.61
C TYR A 331 4.67 -23.05 2.86
N ASP A 332 5.53 -23.92 2.34
CA ASP A 332 5.06 -25.17 1.75
C ASP A 332 4.40 -26.08 2.77
N THR A 333 4.77 -25.95 4.06
CA THR A 333 4.00 -26.57 5.13
C THR A 333 3.58 -25.54 6.18
N GLU A 334 2.63 -25.93 7.02
CA GLU A 334 2.11 -25.10 8.10
C GLU A 334 3.19 -24.72 9.10
N GLU A 335 4.29 -25.49 9.12
CA GLU A 335 5.37 -25.21 10.06
C GLU A 335 5.98 -23.81 9.83
N GLY A 336 5.94 -23.34 8.59
CA GLY A 336 6.39 -21.98 8.26
C GLY A 336 5.55 -20.90 8.92
N ALA A 337 4.23 -21.11 8.93
CA ALA A 337 3.26 -20.20 9.53
C ALA A 337 3.40 -20.18 11.06
N ILE A 338 3.72 -21.35 11.62
CA ILE A 338 3.96 -21.47 13.06
C ILE A 338 5.26 -20.79 13.42
N GLU A 339 6.31 -21.10 12.67
CA GLU A 339 7.63 -20.48 12.93
C GLU A 339 7.67 -18.96 12.79
N ALA A 340 7.00 -18.42 11.76
CA ALA A 340 6.88 -16.98 11.60
C ALA A 340 6.27 -16.35 12.85
N PHE A 341 5.16 -16.92 13.33
CA PHE A 341 4.51 -16.44 14.55
C PHE A 341 5.42 -16.51 15.80
N THR A 342 6.04 -17.66 16.03
CA THR A 342 6.90 -17.80 17.21
C THR A 342 8.14 -16.87 17.15
N ASN A 343 8.77 -16.78 15.99
CA ASN A 343 9.94 -15.87 15.82
C ASN A 343 9.59 -14.40 16.10
N ILE A 344 8.49 -13.94 15.50
CA ILE A 344 8.02 -12.59 15.73
C ILE A 344 7.65 -12.33 17.18
N ARG A 345 6.81 -13.20 17.73
CA ARG A 345 6.42 -13.04 19.12
C ARG A 345 7.64 -13.00 20.06
N ASP A 346 8.61 -13.88 19.85
CA ASP A 346 9.80 -13.91 20.72
C ASP A 346 10.69 -12.68 20.53
N PHE A 347 10.88 -12.28 19.28
CA PHE A 347 11.68 -11.09 18.98
C PHE A 347 11.10 -9.84 19.66
N LEU A 348 9.78 -9.67 19.55
CA LEU A 348 9.07 -8.50 20.12
C LEU A 348 9.16 -8.47 21.64
N LEU A 349 9.05 -9.66 22.24
CA LEU A 349 9.14 -9.83 23.68
C LEU A 349 10.55 -9.61 24.14
N LEU A 350 11.48 -10.32 23.53
CA LEU A 350 12.85 -10.34 23.95
C LEU A 350 13.57 -9.01 23.68
N ARG A 351 13.38 -8.44 22.50
CA ARG A 351 14.12 -7.25 22.09
C ARG A 351 13.38 -5.95 22.35
N MSE A 352 12.06 -6.03 22.53
CA MSE A 352 11.26 -4.83 22.62
C MSE A 352 10.27 -4.79 23.77
O MSE A 352 9.56 -3.80 23.93
CB MSE A 352 10.53 -4.58 21.28
CG MSE A 352 11.46 -4.53 20.06
SE MSE A 352 10.47 -3.98 18.43
CE MSE A 352 9.98 -2.19 18.84
N ALA A 353 10.21 -5.84 24.57
CA ALA A 353 9.25 -5.95 25.66
C ALA A 353 7.83 -5.59 25.19
N THR A 354 7.47 -6.14 24.04
CA THR A 354 6.14 -5.91 23.45
C THR A 354 5.48 -7.22 23.05
N ASN A 355 4.15 -7.25 23.16
CA ASN A 355 3.30 -8.35 22.72
C ASN A 355 2.71 -8.05 21.33
N LEU A 356 2.43 -9.10 20.55
CA LEU A 356 1.47 -8.93 19.44
C LEU A 356 0.15 -8.51 20.07
N GLN A 357 -0.65 -7.73 19.37
CA GLN A 357 -1.93 -7.28 19.89
C GLN A 357 -3.02 -8.33 19.72
N SER A 358 -3.79 -8.57 20.78
CA SER A 358 -4.91 -9.54 20.78
C SER A 358 -6.22 -8.91 20.42
N LEU A 359 -7.06 -9.64 19.69
CA LEU A 359 -8.34 -9.12 19.18
C LEU A 359 -9.37 -10.22 19.43
N THR A 360 -10.59 -9.84 19.74
CA THR A 360 -11.75 -10.76 19.65
C THR A 360 -12.69 -10.19 18.63
N GLY A 361 -13.05 -10.99 17.62
CA GLY A 361 -13.92 -10.53 16.57
C GLY A 361 -15.27 -10.09 17.12
N LYS A 362 -15.87 -9.11 16.45
CA LYS A 362 -17.19 -8.61 16.84
C LYS A 362 -18.24 -8.79 15.76
N ARG A 363 -17.84 -9.19 14.55
CA ARG A 363 -18.81 -9.28 13.46
C ARG A 363 -19.75 -10.50 13.48
N GLU A 364 -21.05 -10.25 13.64
CA GLU A 364 -22.06 -11.31 13.72
C GLU A 364 -22.28 -11.99 12.37
N1A ACO B . -11.90 -21.70 -1.55
C2A ACO B . -12.85 -21.16 -2.32
N3A ACO B . -13.25 -19.90 -2.17
C4A ACO B . -12.69 -19.13 -1.21
C5A ACO B . -11.71 -19.65 -0.38
C6A ACO B . -11.32 -20.98 -0.57
N6A ACO B . -10.39 -21.54 0.20
N7A ACO B . -11.33 -18.67 0.46
C8A ACO B . -12.06 -17.59 0.16
N9A ACO B . -12.89 -17.87 -0.85
C1B ACO B . -13.85 -16.98 -1.51
C2B ACO B . -14.67 -16.15 -0.54
O2B ACO B . -15.89 -16.80 -0.30
C3B ACO B . -14.96 -14.93 -1.40
O3B ACO B . -16.02 -15.30 -2.28
P3B ACO B . -17.22 -14.28 -2.57
O7A ACO B . -17.84 -13.75 -1.34
O8A ACO B . -16.58 -13.15 -3.50
O9A ACO B . -18.18 -15.21 -3.49
C4B ACO B . -13.70 -14.76 -2.24
O4B ACO B . -13.06 -16.06 -2.26
C5B ACO B . -12.75 -13.71 -1.62
O5B ACO B . -12.45 -14.10 -0.27
P1A ACO B . -11.54 -13.22 0.69
O1A ACO B . -11.79 -11.78 0.49
O2A ACO B . -11.64 -13.69 2.07
O3A ACO B . -10.09 -13.39 0.05
P2A ACO B . -9.13 -14.59 -0.38
O4A ACO B . -9.59 -15.13 -1.68
O5A ACO B . -8.88 -15.47 0.74
O6A ACO B . -7.79 -13.82 -0.60
CBP ACO B . -6.15 -12.75 -2.01
CCP ACO B . -7.62 -12.92 -1.68
CDP ACO B . -5.45 -12.07 -0.83
CEP ACO B . -6.04 -11.85 -3.26
CAP ACO B . -5.56 -14.17 -2.27
OAP ACO B . -6.25 -14.81 -3.41
C9P ACO B . -4.03 -14.26 -2.43
O9P ACO B . -3.29 -14.32 -1.44
N8P ACO B . -3.58 -14.29 -3.68
C7P ACO B . -2.14 -14.42 -4.07
C6P ACO B . -1.28 -13.14 -3.94
C5P ACO B . -1.89 -12.01 -4.75
O5P ACO B . -2.25 -12.19 -5.91
N4P ACO B . -2.04 -10.85 -4.10
C3P ACO B . -2.66 -9.72 -4.82
C2P ACO B . -1.56 -8.93 -5.57
S1P ACO B . -2.18 -7.28 -6.15
C ACO B . -1.73 -6.19 -4.84
O ACO B . -1.32 -6.70 -3.81
CH3 ACO B . -1.82 -4.79 -5.00
#